data_9DRZ
#
_entry.id   9DRZ
#
_cell.length_a   120.469
_cell.length_b   120.469
_cell.length_c   166.733
_cell.angle_alpha   90.00
_cell.angle_beta   90.00
_cell.angle_gamma   120.00
#
_symmetry.space_group_name_H-M   'P 65 2 2'
#
loop_
_entity.id
_entity.type
_entity.pdbx_description
1 polymer 'p-loop containing nucleoside triphosphatehydrolase protein'
2 non-polymer "GUANOSINE-5'-DIPHOSPHATE"
3 non-polymer 'MAGNESIUM ION'
4 water water
#
_entity_poly.entity_id   1
_entity_poly.type   'polypeptide(L)'
_entity_poly.pdbx_seq_one_letter_code
;GSMSNRVLLLVGLPGSGKSTFSNKLVELKPNWRRVNQDDLGSRKNCERHCRRFLEQQLNVVIDRCNFDEQQRSTWIRIAR
EYNVPVDCVVLTADKQTCGERILEREDHPTGVQGNEGLNILHRFVMNYIPPTYTTNEGIRRIIHLDPSPEPYCTPERVQS
VLAQL
;
_entity_poly.pdbx_strand_id   A,B,C
#
loop_
_chem_comp.id
_chem_comp.type
_chem_comp.name
_chem_comp.formula
GDP RNA linking GUANOSINE-5'-DIPHOSPHATE 'C10 H15 N5 O11 P2'
MG non-polymer 'MAGNESIUM ION' 'Mg 2'
#
# COMPACT_ATOMS: atom_id res chain seq x y z
N SER A 4 18.62 -22.78 -12.19
CA SER A 4 17.28 -22.37 -12.70
C SER A 4 16.91 -20.99 -12.12
N ASN A 5 15.73 -20.49 -12.48
CA ASN A 5 15.34 -19.12 -12.05
C ASN A 5 14.94 -19.13 -10.57
N ARG A 6 14.97 -17.96 -9.93
CA ARG A 6 14.67 -17.89 -8.48
C ARG A 6 14.05 -16.53 -8.13
N VAL A 7 13.32 -16.46 -7.01
CA VAL A 7 12.70 -15.19 -6.57
C VAL A 7 13.59 -14.62 -5.47
N LEU A 8 13.85 -13.33 -5.51
CA LEU A 8 14.74 -12.68 -4.57
C LEU A 8 13.98 -11.61 -3.81
N LEU A 9 13.98 -11.73 -2.46
CA LEU A 9 13.24 -10.81 -1.62
C LEU A 9 14.23 -9.80 -1.05
N LEU A 10 13.99 -8.52 -1.31
CA LEU A 10 14.65 -7.50 -0.55
C LEU A 10 13.86 -7.23 0.72
N VAL A 11 14.57 -7.05 1.83
CA VAL A 11 13.98 -6.73 3.13
C VAL A 11 14.82 -5.64 3.79
N GLY A 12 14.17 -4.53 4.14
CA GLY A 12 14.88 -3.40 4.71
C GLY A 12 13.96 -2.25 5.07
N LEU A 13 14.44 -1.38 5.94
CA LEU A 13 13.70 -0.19 6.33
C LEU A 13 13.64 0.74 5.14
N PRO A 14 12.64 1.65 5.11
CA PRO A 14 12.68 2.78 4.18
C PRO A 14 14.05 3.43 4.21
N GLY A 15 14.62 3.67 3.03
CA GLY A 15 15.89 4.36 2.88
C GLY A 15 17.09 3.46 3.14
N SER A 16 16.90 2.14 3.18
CA SER A 16 18.00 1.24 3.45
C SER A 16 18.86 1.04 2.19
N GLY A 17 18.24 1.11 1.01
CA GLY A 17 18.99 1.04 -0.25
C GLY A 17 18.52 -0.08 -1.16
N LYS A 18 17.24 -0.46 -1.04
CA LYS A 18 16.69 -1.62 -1.73
C LYS A 18 16.58 -1.35 -3.23
N SER A 19 16.08 -0.16 -3.57
CA SER A 19 15.98 0.25 -4.96
C SER A 19 17.38 0.44 -5.54
N THR A 20 18.26 1.11 -4.80
CA THR A 20 19.65 1.25 -5.22
C THR A 20 20.12 -0.10 -5.75
N PHE A 21 19.98 -1.15 -4.93
CA PHE A 21 20.52 -2.45 -5.25
C PHE A 21 19.76 -3.13 -6.39
N SER A 22 18.43 -3.17 -6.32
CA SER A 22 17.64 -3.88 -7.31
C SER A 22 17.77 -3.25 -8.70
N ASN A 23 17.92 -1.92 -8.76
CA ASN A 23 18.03 -1.24 -10.05
C ASN A 23 19.32 -1.66 -10.75
N LYS A 24 20.42 -1.70 -9.99
CA LYS A 24 21.71 -2.11 -10.51
C LYS A 24 21.64 -3.55 -11.02
N LEU A 25 21.14 -4.47 -10.20
CA LEU A 25 21.01 -5.87 -10.56
C LEU A 25 20.33 -6.04 -11.91
N VAL A 26 19.21 -5.35 -12.14
CA VAL A 26 18.44 -5.55 -13.37
C VAL A 26 19.14 -4.86 -14.54
N GLU A 27 19.86 -3.78 -14.25
CA GLU A 27 20.69 -3.09 -15.24
C GLU A 27 21.80 -4.03 -15.74
N LEU A 28 22.52 -4.69 -14.84
CA LEU A 28 23.63 -5.54 -15.22
C LEU A 28 23.16 -6.89 -15.80
N LYS A 29 22.06 -7.45 -15.29
CA LYS A 29 21.73 -8.83 -15.63
C LYS A 29 20.38 -8.84 -16.34
N PRO A 30 20.33 -9.20 -17.64
CA PRO A 30 19.08 -9.13 -18.39
C PRO A 30 18.11 -10.29 -18.13
N ASN A 31 18.61 -11.32 -17.43
CA ASN A 31 17.79 -12.44 -17.01
C ASN A 31 17.15 -12.14 -15.65
N TRP A 32 17.12 -10.86 -15.26
CA TRP A 32 16.49 -10.41 -14.03
C TRP A 32 15.42 -9.36 -14.31
N ARG A 33 14.31 -9.43 -13.56
CA ARG A 33 13.31 -8.38 -13.55
C ARG A 33 13.06 -7.90 -12.12
N ARG A 34 12.43 -6.72 -12.02
CA ARG A 34 12.25 -6.02 -10.77
C ARG A 34 10.77 -5.64 -10.60
N VAL A 35 10.23 -6.00 -9.44
CA VAL A 35 8.88 -5.65 -9.03
C VAL A 35 8.98 -4.61 -7.93
N ASN A 36 8.51 -3.40 -8.24
CA ASN A 36 8.52 -2.28 -7.32
C ASN A 36 7.14 -1.63 -7.39
N GLN A 37 6.55 -1.31 -6.25
CA GLN A 37 5.14 -0.82 -6.24
C GLN A 37 5.07 0.66 -6.67
N ASP A 38 6.18 1.38 -6.55
CA ASP A 38 6.20 2.80 -6.95
C ASP A 38 6.16 2.88 -8.47
N ASP A 39 6.42 1.75 -9.12
CA ASP A 39 6.43 1.71 -10.60
C ASP A 39 5.28 0.85 -11.09
N LEU A 40 4.77 -0.06 -10.26
CA LEU A 40 3.75 -0.99 -10.72
C LEU A 40 2.39 -0.76 -10.06
N GLY A 41 2.33 0.04 -8.97
CA GLY A 41 1.08 0.43 -8.35
C GLY A 41 0.53 -0.58 -7.35
N SER A 42 -0.68 -1.10 -7.61
CA SER A 42 -1.37 -1.98 -6.69
C SER A 42 -0.60 -3.29 -6.52
N ARG A 43 -0.93 -4.02 -5.46
CA ARG A 43 -0.29 -5.30 -5.23
C ARG A 43 -0.84 -6.30 -6.23
N LYS A 44 -2.14 -6.24 -6.53
CA LYS A 44 -2.72 -7.18 -7.49
C LYS A 44 -1.90 -7.10 -8.79
N ASN A 45 -1.52 -5.88 -9.18
CA ASN A 45 -0.77 -5.65 -10.42
C ASN A 45 0.62 -6.26 -10.29
N CYS A 46 1.30 -5.99 -9.16
CA CYS A 46 2.63 -6.54 -8.92
C CYS A 46 2.63 -8.06 -9.05
N GLU A 47 1.61 -8.71 -8.47
CA GLU A 47 1.47 -10.16 -8.53
C GLU A 47 1.41 -10.59 -10.01
N ARG A 48 0.62 -9.88 -10.83
CA ARG A 48 0.47 -10.19 -12.25
C ARG A 48 1.85 -10.17 -12.92
N HIS A 49 2.55 -9.03 -12.84
CA HIS A 49 3.87 -8.89 -13.45
C HIS A 49 4.79 -10.02 -12.98
N CYS A 50 4.77 -10.28 -11.68
CA CYS A 50 5.60 -11.32 -11.10
C CYS A 50 5.32 -12.64 -11.82
N ARG A 51 4.04 -12.92 -12.05
CA ARG A 51 3.62 -14.14 -12.72
C ARG A 51 4.11 -14.14 -14.17
N ARG A 52 4.06 -12.98 -14.84
CA ARG A 52 4.44 -12.90 -16.26
C ARG A 52 5.94 -13.17 -16.40
N PHE A 53 6.76 -12.68 -15.45
CA PHE A 53 8.20 -12.89 -15.52
C PHE A 53 8.59 -14.34 -15.20
N LEU A 54 7.89 -14.96 -14.27
CA LEU A 54 8.21 -16.34 -13.94
C LEU A 54 7.76 -17.24 -15.08
N GLU A 55 6.71 -16.82 -15.80
CA GLU A 55 6.19 -17.58 -16.92
C GLU A 55 7.26 -17.64 -18.02
N GLN A 56 8.16 -16.66 -18.03
CA GLN A 56 9.28 -16.61 -18.97
C GLN A 56 10.58 -17.07 -18.31
N GLN A 57 10.46 -17.87 -17.24
CA GLN A 57 11.60 -18.39 -16.50
C GLN A 57 12.67 -17.31 -16.25
N LEU A 58 12.26 -16.09 -15.90
CA LEU A 58 13.19 -15.05 -15.51
C LEU A 58 13.36 -15.07 -14.00
N ASN A 59 14.52 -14.60 -13.54
CA ASN A 59 14.68 -14.29 -12.13
C ASN A 59 13.91 -13.00 -11.83
N VAL A 60 13.41 -12.91 -10.58
CA VAL A 60 12.60 -11.78 -10.16
C VAL A 60 13.10 -11.31 -8.80
N VAL A 61 13.27 -9.99 -8.68
CA VAL A 61 13.70 -9.37 -7.43
C VAL A 61 12.58 -8.43 -6.96
N ILE A 62 12.21 -8.54 -5.68
CA ILE A 62 11.06 -7.85 -5.12
C ILE A 62 11.57 -6.68 -4.28
N ASP A 63 11.39 -5.47 -4.82
CA ASP A 63 11.88 -4.24 -4.15
C ASP A 63 10.77 -3.69 -3.25
N ARG A 64 10.53 -4.34 -2.11
CA ARG A 64 9.52 -3.85 -1.12
C ARG A 64 10.14 -3.99 0.27
N CYS A 65 9.71 -3.17 1.24
CA CYS A 65 10.25 -3.36 2.58
C CYS A 65 10.15 -4.84 2.99
N ASN A 66 8.99 -5.46 2.68
CA ASN A 66 8.75 -6.86 2.98
C ASN A 66 9.07 -7.08 4.46
N PHE A 67 8.40 -6.29 5.31
CA PHE A 67 8.86 -6.04 6.67
C PHE A 67 8.32 -7.05 7.67
N ASP A 68 7.54 -8.03 7.22
CA ASP A 68 7.13 -9.12 8.09
C ASP A 68 6.71 -10.33 7.27
N GLU A 69 6.51 -11.45 7.97
CA GLU A 69 6.28 -12.73 7.33
C GLU A 69 5.14 -12.60 6.33
N GLN A 70 4.10 -11.88 6.74
CA GLN A 70 2.90 -11.76 5.92
C GLN A 70 3.26 -11.08 4.60
N GLN A 71 3.97 -9.95 4.69
CA GLN A 71 4.35 -9.19 3.51
C GLN A 71 5.11 -10.08 2.52
N ARG A 72 6.02 -10.91 3.02
CA ARG A 72 6.87 -11.71 2.11
C ARG A 72 6.09 -12.91 1.54
N SER A 73 5.22 -13.51 2.36
CA SER A 73 4.47 -14.72 1.91
C SER A 73 3.93 -14.54 0.49
N THR A 74 3.35 -13.38 0.17
CA THR A 74 2.73 -13.17 -1.14
C THR A 74 3.60 -13.73 -2.25
N TRP A 75 4.92 -13.49 -2.14
CA TRP A 75 5.85 -13.75 -3.21
C TRP A 75 6.32 -15.20 -3.12
N ILE A 76 6.51 -15.69 -1.89
CA ILE A 76 6.83 -17.09 -1.65
C ILE A 76 5.73 -17.95 -2.27
N ARG A 77 4.48 -17.49 -2.10
CA ARG A 77 3.32 -18.22 -2.57
C ARG A 77 3.37 -18.34 -4.09
N ILE A 78 3.66 -17.23 -4.78
CA ILE A 78 3.77 -17.24 -6.23
C ILE A 78 4.94 -18.10 -6.68
N ALA A 79 6.07 -17.99 -5.98
CA ALA A 79 7.22 -18.83 -6.28
C ALA A 79 6.85 -20.31 -6.23
N ARG A 80 6.14 -20.75 -5.19
CA ARG A 80 5.76 -22.16 -5.09
C ARG A 80 4.89 -22.56 -6.29
N GLU A 81 4.04 -21.63 -6.75
CA GLU A 81 3.18 -21.83 -7.90
C GLU A 81 4.00 -22.28 -9.12
N TYR A 82 5.19 -21.68 -9.31
CA TYR A 82 6.03 -22.01 -10.44
C TYR A 82 7.19 -22.90 -10.01
N ASN A 83 7.12 -23.43 -8.79
CA ASN A 83 8.12 -24.38 -8.30
C ASN A 83 9.53 -23.80 -8.47
N VAL A 84 9.76 -22.58 -7.95
CA VAL A 84 11.08 -21.98 -7.96
C VAL A 84 11.42 -21.58 -6.53
N PRO A 85 12.71 -21.57 -6.16
CA PRO A 85 13.11 -21.25 -4.78
C PRO A 85 12.99 -19.75 -4.53
N VAL A 86 13.03 -19.39 -3.24
CA VAL A 86 12.93 -18.01 -2.78
C VAL A 86 14.07 -17.76 -1.80
N ASP A 87 14.96 -16.87 -2.18
CA ASP A 87 16.05 -16.45 -1.32
C ASP A 87 15.73 -15.02 -0.91
N CYS A 88 16.60 -14.44 -0.08
CA CYS A 88 16.28 -13.21 0.60
C CYS A 88 17.55 -12.45 0.92
N VAL A 89 17.46 -11.12 0.81
CA VAL A 89 18.57 -10.21 1.08
C VAL A 89 18.07 -9.14 2.05
N VAL A 90 18.63 -9.18 3.25
CA VAL A 90 18.27 -8.28 4.33
C VAL A 90 19.29 -7.15 4.35
N LEU A 91 18.81 -5.91 4.22
CA LEU A 91 19.68 -4.76 4.33
C LEU A 91 19.77 -4.35 5.80
N THR A 92 21.01 -4.28 6.31
CA THR A 92 21.28 -4.19 7.73
C THR A 92 21.39 -2.73 8.20
N ALA A 93 21.39 -1.77 7.28
CA ALA A 93 21.39 -0.36 7.64
C ALA A 93 20.45 -0.10 8.81
N ASP A 94 20.93 0.68 9.79
CA ASP A 94 20.25 0.87 11.06
C ASP A 94 19.36 2.12 10.97
N LYS A 95 18.59 2.36 12.04
CA LYS A 95 17.62 3.43 12.07
C LYS A 95 18.33 4.76 11.84
N GLN A 96 19.56 4.90 12.37
CA GLN A 96 20.32 6.15 12.25
C GLN A 96 20.64 6.42 10.77
N THR A 97 21.24 5.43 10.10
CA THR A 97 21.67 5.56 8.70
C THR A 97 20.49 5.95 7.83
N CYS A 98 19.40 5.17 7.91
CA CYS A 98 18.20 5.42 7.12
C CYS A 98 17.65 6.82 7.41
N GLY A 99 17.64 7.22 8.69
CA GLY A 99 17.15 8.53 9.05
C GLY A 99 17.91 9.61 8.30
N GLU A 100 19.24 9.49 8.28
CA GLU A 100 20.09 10.49 7.65
C GLU A 100 19.82 10.54 6.15
N ARG A 101 19.60 9.38 5.54
CA ARG A 101 19.29 9.30 4.11
C ARG A 101 17.95 9.94 3.81
N ILE A 102 16.95 9.72 4.68
CA ILE A 102 15.61 10.23 4.45
C ILE A 102 15.59 11.75 4.57
N LEU A 103 16.36 12.31 5.51
CA LEU A 103 16.47 13.76 5.62
C LEU A 103 17.06 14.35 4.35
N GLU A 104 18.04 13.65 3.75
CA GLU A 104 18.75 14.11 2.57
C GLU A 104 17.77 14.51 1.46
N ARG A 105 16.56 13.93 1.44
CA ARG A 105 15.67 14.06 0.31
C ARG A 105 14.66 15.20 0.50
N GLU A 106 14.42 15.59 1.75
CA GLU A 106 13.71 16.82 2.05
C GLU A 106 12.38 16.88 1.29
N ASP A 107 11.58 15.81 1.32
CA ASP A 107 10.30 15.83 0.62
C ASP A 107 9.12 15.52 1.52
N HIS A 108 9.32 15.70 2.83
CA HIS A 108 8.33 15.40 3.84
C HIS A 108 7.97 16.64 4.66
N PRO A 109 6.69 16.84 5.03
CA PRO A 109 6.32 17.89 5.97
C PRO A 109 7.25 17.93 7.18
N THR A 110 7.40 19.12 7.79
CA THR A 110 8.34 19.26 8.92
C THR A 110 7.95 20.39 9.84
N GLY A 111 8.08 20.20 11.16
CA GLY A 111 7.85 21.26 12.15
C GLY A 111 7.23 20.66 13.41
N VAL A 112 6.11 21.24 13.88
CA VAL A 112 5.36 20.69 15.00
C VAL A 112 4.77 19.36 14.53
N GLN A 113 4.51 18.47 15.49
CA GLN A 113 4.16 17.08 15.22
C GLN A 113 5.34 16.37 14.53
N GLY A 114 6.53 17.00 14.54
CA GLY A 114 7.76 16.37 14.07
C GLY A 114 8.02 16.62 12.58
N ASN A 115 9.24 16.23 12.17
CA ASN A 115 9.58 15.97 10.78
C ASN A 115 9.03 14.58 10.42
N GLU A 116 8.01 14.56 9.56
CA GLU A 116 7.52 13.26 9.07
C GLU A 116 8.63 12.68 8.19
N GLY A 117 8.64 11.35 8.04
CA GLY A 117 9.67 10.72 7.23
C GLY A 117 10.66 10.12 8.23
N LEU A 118 11.07 10.91 9.23
CA LEU A 118 11.64 10.36 10.45
C LEU A 118 10.52 9.67 11.23
N ASN A 119 9.34 10.30 11.29
CA ASN A 119 8.18 9.65 11.87
C ASN A 119 7.92 8.34 11.15
N ILE A 120 7.79 8.43 9.82
CA ILE A 120 7.47 7.27 9.00
C ILE A 120 8.45 6.15 9.31
N LEU A 121 9.73 6.45 9.22
CA LEU A 121 10.75 5.48 9.54
C LEU A 121 10.48 4.86 10.91
N HIS A 122 10.10 5.69 11.89
CA HIS A 122 9.87 5.22 13.25
C HIS A 122 8.72 4.23 13.27
N ARG A 123 7.67 4.51 12.50
CA ARG A 123 6.51 3.62 12.43
C ARG A 123 6.90 2.27 11.83
N PHE A 124 7.67 2.25 10.73
CA PHE A 124 8.12 1.00 10.15
C PHE A 124 8.95 0.22 11.17
N VAL A 125 9.90 0.91 11.80
CA VAL A 125 10.81 0.31 12.77
C VAL A 125 10.00 -0.52 13.75
N MET A 126 8.85 0.01 14.20
CA MET A 126 8.05 -0.60 15.25
C MET A 126 7.26 -1.81 14.74
N ASN A 127 7.27 -2.07 13.42
CA ASN A 127 6.56 -3.21 12.88
C ASN A 127 7.47 -4.08 12.00
N TYR A 128 8.79 -3.97 12.22
CA TYR A 128 9.77 -4.59 11.35
C TYR A 128 10.23 -5.93 11.94
N ILE A 129 9.89 -7.01 11.23
CA ILE A 129 10.29 -8.35 11.62
C ILE A 129 11.03 -8.98 10.44
N PRO A 130 12.37 -8.87 10.37
CA PRO A 130 13.12 -9.49 9.28
C PRO A 130 13.15 -11.00 9.46
N PRO A 131 13.42 -11.77 8.39
CA PRO A 131 13.46 -13.23 8.49
C PRO A 131 14.71 -13.66 9.26
N THR A 132 14.57 -14.75 10.01
CA THR A 132 15.69 -15.31 10.75
C THR A 132 15.59 -16.82 10.65
N TYR A 133 16.49 -17.52 11.34
CA TYR A 133 16.48 -18.97 11.38
C TYR A 133 15.10 -19.47 11.79
N THR A 134 14.47 -18.81 12.78
CA THR A 134 13.35 -19.38 13.50
C THR A 134 12.03 -19.18 12.76
N THR A 135 11.84 -18.04 12.07
CA THR A 135 10.58 -17.75 11.39
C THR A 135 10.20 -18.90 10.45
N ASN A 136 8.95 -19.37 10.49
CA ASN A 136 8.57 -20.53 9.68
C ASN A 136 8.06 -20.15 8.29
N GLU A 137 8.94 -19.63 7.43
CA GLU A 137 8.50 -18.98 6.19
C GLU A 137 8.74 -19.72 4.87
N GLY A 138 9.68 -20.66 4.84
CA GLY A 138 10.03 -21.30 3.57
C GLY A 138 10.86 -20.39 2.66
N ILE A 139 11.92 -19.83 3.23
CA ILE A 139 12.96 -19.13 2.50
C ILE A 139 14.18 -20.05 2.46
N ARG A 140 14.78 -20.21 1.27
CA ARG A 140 15.94 -21.08 1.13
C ARG A 140 17.16 -20.47 1.82
N ARG A 141 17.62 -19.30 1.38
CA ARG A 141 18.85 -18.73 1.92
C ARG A 141 18.64 -17.25 2.23
N ILE A 142 19.14 -16.82 3.39
CA ILE A 142 19.06 -15.43 3.79
C ILE A 142 20.47 -14.88 3.85
N ILE A 143 20.73 -13.80 3.10
CA ILE A 143 22.01 -13.13 3.20
C ILE A 143 21.75 -11.72 3.72
N HIS A 144 22.60 -11.28 4.64
CA HIS A 144 22.51 -9.92 5.15
C HIS A 144 23.49 -9.08 4.34
N LEU A 145 23.12 -7.83 4.03
CA LEU A 145 23.95 -6.96 3.23
C LEU A 145 24.19 -5.64 3.96
N ASP A 146 25.46 -5.35 4.22
CA ASP A 146 25.84 -4.12 4.90
C ASP A 146 25.90 -2.97 3.89
N PRO A 147 25.69 -1.71 4.33
CA PRO A 147 25.87 -0.56 3.44
C PRO A 147 27.29 -0.43 2.89
N SER A 148 27.39 -0.01 1.63
CA SER A 148 28.67 0.33 1.01
C SER A 148 29.09 1.74 1.41
N PRO A 149 30.41 2.09 1.37
CA PRO A 149 30.84 3.48 1.51
C PRO A 149 30.22 4.34 0.42
N GLU A 150 30.08 3.78 -0.78
CA GLU A 150 29.64 4.52 -1.96
C GLU A 150 28.11 4.60 -1.99
N PRO A 151 27.53 5.78 -2.31
CA PRO A 151 26.08 5.88 -2.53
C PRO A 151 25.55 5.00 -3.66
N TYR A 152 26.39 4.80 -4.68
CA TYR A 152 25.99 3.99 -5.82
C TYR A 152 26.41 2.55 -5.58
N CYS A 153 25.75 1.63 -6.28
CA CYS A 153 26.02 0.22 -6.13
C CYS A 153 26.92 -0.27 -7.26
N THR A 154 28.09 -0.81 -6.90
CA THR A 154 29.08 -1.26 -7.89
C THR A 154 28.65 -2.58 -8.49
N PRO A 155 29.09 -2.93 -9.73
CA PRO A 155 28.86 -4.26 -10.28
C PRO A 155 29.43 -5.39 -9.43
N GLU A 156 30.53 -5.09 -8.73
CA GLU A 156 31.21 -6.07 -7.90
C GLU A 156 30.34 -6.40 -6.68
N ARG A 157 29.67 -5.38 -6.13
CA ARG A 157 28.77 -5.57 -4.99
C ARG A 157 27.62 -6.50 -5.37
N VAL A 158 27.03 -6.27 -6.55
CA VAL A 158 25.95 -7.10 -7.05
C VAL A 158 26.45 -8.54 -7.21
N GLN A 159 27.64 -8.69 -7.80
CA GLN A 159 28.20 -10.00 -8.08
C GLN A 159 28.43 -10.74 -6.76
N SER A 160 28.98 -10.02 -5.79
CA SER A 160 29.33 -10.58 -4.50
C SER A 160 28.09 -11.19 -3.83
N VAL A 161 26.96 -10.51 -3.95
CA VAL A 161 25.70 -10.93 -3.34
C VAL A 161 25.17 -12.16 -4.05
N LEU A 162 25.09 -12.12 -5.39
CA LEU A 162 24.57 -13.21 -6.18
C LEU A 162 25.41 -14.48 -5.98
N ALA A 163 26.71 -14.32 -5.67
CA ALA A 163 27.62 -15.45 -5.54
C ALA A 163 27.31 -16.29 -4.30
N GLN A 164 26.48 -15.76 -3.38
CA GLN A 164 26.15 -16.46 -2.15
C GLN A 164 24.80 -17.16 -2.24
N LEU A 165 24.23 -17.26 -3.45
CA LEU A 165 22.93 -17.88 -3.67
C LEU A 165 21.86 -17.00 -3.01
N SER B 4 -28.64 -0.96 -5.60
CA SER B 4 -29.35 -1.10 -4.29
C SER B 4 -28.69 -2.18 -3.43
N ASN B 5 -28.27 -3.30 -4.03
CA ASN B 5 -27.66 -4.38 -3.28
C ASN B 5 -26.41 -3.85 -2.56
N ARG B 6 -26.17 -4.38 -1.36
CA ARG B 6 -25.20 -3.84 -0.43
C ARG B 6 -24.15 -4.92 -0.14
N VAL B 7 -22.96 -4.46 0.28
CA VAL B 7 -21.96 -5.31 0.90
C VAL B 7 -21.91 -5.00 2.39
N LEU B 8 -21.91 -6.06 3.20
CA LEU B 8 -21.97 -5.93 4.66
C LEU B 8 -20.70 -6.49 5.30
N LEU B 9 -19.94 -5.61 5.95
CA LEU B 9 -18.77 -6.03 6.72
C LEU B 9 -19.20 -6.39 8.14
N LEU B 10 -18.93 -7.62 8.55
CA LEU B 10 -18.96 -7.93 9.98
C LEU B 10 -17.59 -7.54 10.54
N VAL B 11 -17.61 -6.94 11.73
CA VAL B 11 -16.39 -6.64 12.47
C VAL B 11 -16.59 -7.14 13.90
N GLY B 12 -15.62 -7.91 14.40
CA GLY B 12 -15.70 -8.33 15.78
C GLY B 12 -14.51 -9.19 16.16
N LEU B 13 -14.31 -9.35 17.47
CA LEU B 13 -13.28 -10.24 17.99
C LEU B 13 -13.64 -11.68 17.65
N PRO B 14 -12.64 -12.58 17.67
CA PRO B 14 -12.88 -14.02 17.65
C PRO B 14 -13.84 -14.43 18.77
N GLY B 15 -14.96 -15.07 18.38
CA GLY B 15 -15.99 -15.53 19.32
C GLY B 15 -17.11 -14.51 19.55
N SER B 16 -17.09 -13.36 18.84
CA SER B 16 -18.06 -12.30 19.05
C SER B 16 -19.43 -12.68 18.48
N GLY B 17 -19.45 -13.59 17.51
CA GLY B 17 -20.70 -14.18 17.04
C GLY B 17 -21.03 -13.85 15.59
N LYS B 18 -19.98 -13.59 14.80
CA LYS B 18 -20.11 -13.18 13.41
C LYS B 18 -20.70 -14.31 12.56
N SER B 19 -20.19 -15.54 12.75
CA SER B 19 -20.66 -16.68 11.97
C SER B 19 -22.11 -17.00 12.32
N THR B 20 -22.45 -16.91 13.61
CA THR B 20 -23.79 -17.25 14.08
C THR B 20 -24.81 -16.37 13.36
N PHE B 21 -24.52 -15.07 13.32
CA PHE B 21 -25.40 -14.10 12.71
C PHE B 21 -25.43 -14.28 11.19
N SER B 22 -24.23 -14.36 10.57
CA SER B 22 -24.12 -14.42 9.13
C SER B 22 -24.76 -15.69 8.57
N ASN B 23 -24.61 -16.82 9.28
CA ASN B 23 -25.22 -18.07 8.85
C ASN B 23 -26.74 -17.95 8.85
N LYS B 24 -27.28 -17.22 9.83
CA LYS B 24 -28.74 -17.09 9.97
C LYS B 24 -29.27 -16.17 8.86
N LEU B 25 -28.54 -15.09 8.60
CA LEU B 25 -28.90 -14.14 7.58
C LEU B 25 -29.09 -14.84 6.24
N VAL B 26 -28.16 -15.74 5.88
CA VAL B 26 -28.18 -16.32 4.56
C VAL B 26 -29.12 -17.53 4.52
N GLU B 27 -29.44 -18.07 5.69
CA GLU B 27 -30.47 -19.10 5.76
C GLU B 27 -31.86 -18.50 5.55
N LEU B 28 -32.07 -17.27 6.05
CA LEU B 28 -33.36 -16.62 5.97
C LEU B 28 -33.54 -15.94 4.61
N LYS B 29 -32.53 -15.20 4.14
CA LYS B 29 -32.66 -14.39 2.92
C LYS B 29 -31.90 -15.06 1.76
N PRO B 30 -32.57 -15.42 0.63
CA PRO B 30 -31.90 -16.07 -0.49
C PRO B 30 -31.19 -15.14 -1.46
N ASN B 31 -31.31 -13.82 -1.22
CA ASN B 31 -30.60 -12.82 -2.00
C ASN B 31 -29.35 -12.35 -1.26
N TRP B 32 -28.87 -13.18 -0.34
CA TRP B 32 -27.65 -12.90 0.41
C TRP B 32 -26.71 -14.11 0.30
N ARG B 33 -25.40 -13.80 0.24
CA ARG B 33 -24.35 -14.80 0.27
C ARG B 33 -23.30 -14.41 1.30
N ARG B 34 -22.68 -15.44 1.89
CA ARG B 34 -21.77 -15.28 3.01
C ARG B 34 -20.35 -15.66 2.58
N VAL B 35 -19.37 -14.77 2.85
CA VAL B 35 -17.98 -15.04 2.57
C VAL B 35 -17.27 -15.34 3.88
N ASN B 36 -16.78 -16.58 4.03
CA ASN B 36 -16.13 -17.01 5.26
C ASN B 36 -14.81 -17.69 4.91
N GLN B 37 -13.70 -17.17 5.47
CA GLN B 37 -12.35 -17.66 5.18
C GLN B 37 -12.29 -19.18 5.41
N ASP B 38 -12.74 -19.63 6.58
CA ASP B 38 -12.66 -21.03 6.97
C ASP B 38 -13.31 -21.98 5.97
N ASP B 39 -14.49 -21.60 5.46
CA ASP B 39 -15.20 -22.39 4.45
C ASP B 39 -14.54 -22.28 3.07
N LEU B 40 -13.95 -21.12 2.75
CA LEU B 40 -13.55 -20.84 1.37
C LEU B 40 -12.03 -20.87 1.16
N GLY B 41 -11.25 -20.95 2.25
CA GLY B 41 -9.80 -21.04 2.16
C GLY B 41 -9.14 -19.67 2.00
N SER B 42 -8.24 -19.54 1.02
CA SER B 42 -7.46 -18.30 0.82
C SER B 42 -8.34 -17.07 0.60
N ARG B 43 -7.79 -15.88 0.85
CA ARG B 43 -8.55 -14.62 0.60
C ARG B 43 -8.71 -14.45 -0.92
N LYS B 44 -7.65 -14.63 -1.70
CA LYS B 44 -7.79 -14.58 -3.18
C LYS B 44 -9.04 -15.38 -3.57
N ASN B 45 -9.16 -16.61 -3.06
CA ASN B 45 -10.34 -17.42 -3.32
C ASN B 45 -11.59 -16.68 -2.84
N CYS B 46 -11.58 -16.15 -1.60
CA CYS B 46 -12.69 -15.40 -1.05
C CYS B 46 -13.03 -14.21 -1.95
N GLU B 47 -11.98 -13.48 -2.41
CA GLU B 47 -12.16 -12.35 -3.31
C GLU B 47 -12.88 -12.82 -4.58
N ARG B 48 -12.49 -13.96 -5.15
CA ARG B 48 -13.12 -14.45 -6.36
C ARG B 48 -14.63 -14.64 -6.13
N HIS B 49 -15.01 -15.36 -5.06
CA HIS B 49 -16.41 -15.68 -4.81
C HIS B 49 -17.23 -14.39 -4.61
N CYS B 50 -16.64 -13.43 -3.89
CA CYS B 50 -17.29 -12.19 -3.58
C CYS B 50 -17.64 -11.46 -4.88
N ARG B 51 -16.71 -11.47 -5.84
CA ARG B 51 -16.91 -10.87 -7.15
C ARG B 51 -18.01 -11.61 -7.93
N ARG B 52 -17.96 -12.96 -7.98
CA ARG B 52 -18.97 -13.72 -8.72
C ARG B 52 -20.34 -13.25 -8.23
N PHE B 53 -20.48 -13.17 -6.90
CA PHE B 53 -21.73 -12.79 -6.25
C PHE B 53 -22.12 -11.35 -6.60
N LEU B 54 -21.14 -10.44 -6.69
CA LEU B 54 -21.49 -9.07 -7.02
C LEU B 54 -21.82 -8.96 -8.51
N GLU B 55 -21.29 -9.89 -9.32
CA GLU B 55 -21.63 -10.00 -10.73
C GLU B 55 -23.10 -10.36 -10.91
N GLN B 56 -23.73 -10.96 -9.89
CA GLN B 56 -25.15 -11.31 -9.97
C GLN B 56 -26.05 -10.36 -9.17
N GLN B 57 -25.52 -9.19 -8.77
CA GLN B 57 -26.21 -8.20 -7.94
C GLN B 57 -26.78 -8.78 -6.63
N LEU B 58 -26.14 -9.80 -6.06
CA LEU B 58 -26.51 -10.30 -4.75
C LEU B 58 -25.97 -9.36 -3.68
N ASN B 59 -26.56 -9.47 -2.49
CA ASN B 59 -26.00 -8.85 -1.30
C ASN B 59 -24.97 -9.80 -0.71
N VAL B 60 -23.88 -9.24 -0.19
CA VAL B 60 -22.78 -10.07 0.28
C VAL B 60 -22.40 -9.65 1.71
N VAL B 61 -22.30 -10.66 2.59
CA VAL B 61 -21.86 -10.47 3.97
C VAL B 61 -20.49 -11.13 4.15
N ILE B 62 -19.55 -10.35 4.72
CA ILE B 62 -18.20 -10.80 4.96
C ILE B 62 -18.05 -11.23 6.43
N ASP B 63 -17.98 -12.54 6.66
CA ASP B 63 -17.80 -13.10 7.99
C ASP B 63 -16.31 -13.31 8.21
N ARG B 64 -15.66 -12.29 8.80
CA ARG B 64 -14.25 -12.30 9.14
C ARG B 64 -14.05 -11.26 10.23
N CYS B 65 -12.98 -11.36 11.02
CA CYS B 65 -12.76 -10.38 12.07
C CYS B 65 -12.72 -8.98 11.48
N ASN B 66 -11.97 -8.81 10.37
CA ASN B 66 -11.93 -7.56 9.65
C ASN B 66 -11.45 -6.44 10.56
N PHE B 67 -10.33 -6.71 11.22
CA PHE B 67 -9.97 -6.04 12.46
C PHE B 67 -9.22 -4.73 12.25
N ASP B 68 -8.99 -4.29 11.00
CA ASP B 68 -8.39 -2.97 10.77
C ASP B 68 -8.73 -2.45 9.38
N GLU B 69 -8.22 -1.26 9.07
CA GLU B 69 -8.59 -0.60 7.83
C GLU B 69 -8.06 -1.45 6.67
N GLN B 70 -6.84 -1.97 6.82
CA GLN B 70 -6.26 -2.79 5.76
C GLN B 70 -7.21 -3.94 5.44
N GLN B 71 -7.48 -4.78 6.46
CA GLN B 71 -8.27 -5.99 6.32
C GLN B 71 -9.65 -5.73 5.72
N ARG B 72 -10.21 -4.54 5.99
CA ARG B 72 -11.52 -4.16 5.50
C ARG B 72 -11.44 -3.64 4.07
N SER B 73 -10.33 -2.95 3.73
CA SER B 73 -10.17 -2.29 2.44
C SER B 73 -10.31 -3.27 1.27
N THR B 74 -9.99 -4.54 1.50
CA THR B 74 -10.12 -5.56 0.46
C THR B 74 -11.55 -5.62 -0.08
N TRP B 75 -12.54 -5.52 0.81
CA TRP B 75 -13.92 -5.77 0.43
C TRP B 75 -14.58 -4.48 -0.04
N ILE B 76 -14.13 -3.34 0.51
CA ILE B 76 -14.61 -2.05 0.06
C ILE B 76 -14.18 -1.86 -1.40
N ARG B 77 -12.91 -2.18 -1.72
CA ARG B 77 -12.41 -2.05 -3.07
C ARG B 77 -13.29 -2.82 -4.05
N ILE B 78 -13.51 -4.10 -3.78
CA ILE B 78 -14.32 -4.94 -4.64
C ILE B 78 -15.69 -4.29 -4.85
N ALA B 79 -16.25 -3.79 -3.74
CA ALA B 79 -17.54 -3.14 -3.79
C ALA B 79 -17.47 -1.90 -4.69
N ARG B 80 -16.38 -1.13 -4.58
CA ARG B 80 -16.19 0.06 -5.40
C ARG B 80 -16.22 -0.31 -6.88
N GLU B 81 -15.59 -1.43 -7.25
CA GLU B 81 -15.52 -1.88 -8.63
C GLU B 81 -16.92 -2.04 -9.22
N TYR B 82 -17.89 -2.55 -8.42
CA TYR B 82 -19.25 -2.79 -8.89
C TYR B 82 -20.19 -1.67 -8.45
N ASN B 83 -19.62 -0.63 -7.83
CA ASN B 83 -20.34 0.55 -7.35
C ASN B 83 -21.54 0.18 -6.49
N VAL B 84 -21.31 -0.63 -5.44
CA VAL B 84 -22.33 -0.91 -4.45
C VAL B 84 -21.88 -0.27 -3.14
N PRO B 85 -22.83 0.06 -2.24
CA PRO B 85 -22.47 0.67 -0.96
C PRO B 85 -22.03 -0.40 0.05
N VAL B 86 -21.12 0.01 0.94
CA VAL B 86 -20.58 -0.84 1.97
C VAL B 86 -21.08 -0.35 3.33
N ASP B 87 -21.85 -1.22 3.98
CA ASP B 87 -22.26 -1.01 5.36
C ASP B 87 -21.50 -1.99 6.24
N CYS B 88 -21.49 -1.70 7.53
CA CYS B 88 -20.72 -2.46 8.50
C CYS B 88 -21.47 -2.64 9.82
N VAL B 89 -21.44 -3.88 10.34
CA VAL B 89 -22.00 -4.23 11.63
C VAL B 89 -20.87 -4.65 12.57
N VAL B 90 -20.62 -3.85 13.61
CA VAL B 90 -19.64 -4.17 14.63
C VAL B 90 -20.29 -4.91 15.79
N LEU B 91 -19.88 -6.16 16.04
CA LEU B 91 -20.30 -6.90 17.22
C LEU B 91 -19.57 -6.33 18.43
N THR B 92 -20.32 -6.06 19.51
CA THR B 92 -19.78 -5.31 20.65
C THR B 92 -19.30 -6.26 21.74
N ALA B 93 -19.59 -7.56 21.60
CA ALA B 93 -19.08 -8.57 22.53
C ALA B 93 -17.65 -8.24 22.93
N ASP B 94 -17.39 -8.15 24.23
CA ASP B 94 -16.13 -7.64 24.72
C ASP B 94 -15.17 -8.79 24.99
N LYS B 95 -13.91 -8.42 25.29
CA LYS B 95 -12.82 -9.37 25.46
C LYS B 95 -13.23 -10.48 26.42
N GLN B 96 -13.92 -10.12 27.51
CA GLN B 96 -14.25 -11.09 28.54
C GLN B 96 -15.36 -12.01 28.03
N THR B 97 -16.37 -11.45 27.35
CA THR B 97 -17.44 -12.28 26.78
C THR B 97 -16.81 -13.29 25.84
N CYS B 98 -15.98 -12.79 24.92
CA CYS B 98 -15.44 -13.60 23.85
C CYS B 98 -14.59 -14.69 24.48
N GLY B 99 -13.81 -14.31 25.49
CA GLY B 99 -13.01 -15.24 26.28
C GLY B 99 -13.80 -16.47 26.76
N GLU B 100 -14.99 -16.24 27.35
CA GLU B 100 -15.79 -17.31 27.93
C GLU B 100 -16.29 -18.24 26.83
N ARG B 101 -16.65 -17.67 25.68
CA ARG B 101 -17.16 -18.44 24.57
C ARG B 101 -16.08 -19.35 23.99
N ILE B 102 -14.83 -18.84 23.94
CA ILE B 102 -13.70 -19.58 23.39
C ILE B 102 -13.42 -20.80 24.27
N LEU B 103 -13.38 -20.59 25.59
CA LEU B 103 -13.18 -21.66 26.55
C LEU B 103 -14.28 -22.72 26.40
N GLU B 104 -15.50 -22.29 26.06
CA GLU B 104 -16.62 -23.21 25.92
C GLU B 104 -16.41 -24.18 24.74
N ARG B 105 -15.56 -23.80 23.77
CA ARG B 105 -15.27 -24.63 22.61
C ARG B 105 -14.43 -25.83 23.04
N GLU B 106 -13.52 -25.62 23.99
CA GLU B 106 -12.69 -26.67 24.59
C GLU B 106 -11.81 -27.33 23.53
N ASP B 107 -11.12 -26.49 22.73
CA ASP B 107 -10.33 -26.96 21.59
C ASP B 107 -8.96 -26.29 21.49
N HIS B 108 -8.52 -25.58 22.53
CA HIS B 108 -7.22 -24.93 22.50
C HIS B 108 -6.29 -25.55 23.55
N PRO B 109 -4.98 -25.70 23.27
CA PRO B 109 -4.05 -26.17 24.29
C PRO B 109 -3.86 -25.13 25.39
N THR B 110 -3.18 -25.55 26.47
CA THR B 110 -2.68 -24.64 27.48
C THR B 110 -1.16 -24.82 27.57
N GLY B 111 -0.45 -23.69 27.67
CA GLY B 111 0.99 -23.69 27.77
C GLY B 111 1.44 -22.95 29.02
N VAL B 112 2.70 -22.49 29.00
CA VAL B 112 3.34 -21.85 30.13
C VAL B 112 2.75 -20.45 30.30
N GLN B 113 2.20 -19.89 29.21
CA GLN B 113 1.65 -18.55 29.23
C GLN B 113 0.13 -18.62 29.36
N GLY B 114 -0.40 -19.76 29.79
CA GLY B 114 -1.83 -19.91 29.95
C GLY B 114 -2.45 -20.52 28.69
N ASN B 115 -3.78 -20.39 28.60
CA ASN B 115 -4.57 -20.97 27.49
C ASN B 115 -4.25 -20.23 26.20
N GLU B 116 -4.04 -21.01 25.16
CA GLU B 116 -3.64 -20.43 23.88
C GLU B 116 -4.84 -19.80 23.17
N GLY B 117 -6.04 -20.25 23.51
CA GLY B 117 -7.26 -19.61 23.04
C GLY B 117 -7.48 -18.23 23.64
N LEU B 118 -7.14 -18.05 24.91
CA LEU B 118 -7.29 -16.75 25.54
C LEU B 118 -6.18 -15.80 25.03
N ASN B 119 -4.99 -16.35 24.72
CA ASN B 119 -3.86 -15.56 24.25
C ASN B 119 -4.15 -14.98 22.86
N ILE B 120 -4.74 -15.78 21.97
CA ILE B 120 -5.11 -15.31 20.65
C ILE B 120 -5.94 -14.04 20.75
N LEU B 121 -7.04 -14.15 21.52
CA LEU B 121 -7.96 -13.06 21.72
C LEU B 121 -7.20 -11.80 22.12
N HIS B 122 -6.24 -11.96 23.05
CA HIS B 122 -5.46 -10.83 23.53
C HIS B 122 -4.71 -10.18 22.36
N ARG B 123 -4.15 -10.99 21.47
CA ARG B 123 -3.39 -10.50 20.32
C ARG B 123 -4.29 -9.77 19.34
N PHE B 124 -5.48 -10.30 19.06
CA PHE B 124 -6.43 -9.58 18.22
C PHE B 124 -6.78 -8.24 18.87
N VAL B 125 -7.10 -8.27 20.17
CA VAL B 125 -7.46 -7.07 20.88
C VAL B 125 -6.40 -6.00 20.64
N MET B 126 -5.11 -6.40 20.72
CA MET B 126 -4.00 -5.48 20.55
C MET B 126 -4.01 -4.76 19.19
N ASN B 127 -4.40 -5.46 18.11
CA ASN B 127 -4.31 -4.91 16.76
C ASN B 127 -5.70 -4.58 16.21
N TYR B 128 -6.67 -4.31 17.10
CA TYR B 128 -8.04 -4.10 16.69
C TYR B 128 -8.38 -2.62 16.56
N ILE B 129 -8.66 -2.21 15.32
CA ILE B 129 -8.94 -0.81 15.02
C ILE B 129 -10.29 -0.77 14.33
N PRO B 130 -11.37 -0.57 15.12
CA PRO B 130 -12.71 -0.74 14.60
C PRO B 130 -13.06 0.50 13.79
N PRO B 131 -14.01 0.38 12.84
CA PRO B 131 -14.35 1.47 11.94
C PRO B 131 -15.12 2.54 12.70
N THR B 132 -14.76 3.79 12.46
CA THR B 132 -15.57 4.92 12.86
C THR B 132 -15.94 5.68 11.59
N TYR B 133 -16.49 6.89 11.71
CA TYR B 133 -16.74 7.73 10.55
C TYR B 133 -15.55 8.66 10.36
N THR B 134 -14.42 8.33 10.99
CA THR B 134 -13.23 9.16 10.90
C THR B 134 -12.00 8.31 10.60
N THR B 135 -12.19 7.05 10.19
CA THR B 135 -11.08 6.18 9.86
C THR B 135 -10.94 6.14 8.35
N ASN B 136 -11.54 7.16 7.71
CA ASN B 136 -11.65 7.19 6.23
C ASN B 136 -12.40 5.93 5.80
N GLU B 137 -11.78 5.05 5.00
CA GLU B 137 -12.37 3.75 4.61
C GLU B 137 -13.55 3.94 3.66
N GLY B 138 -14.44 4.89 3.92
CA GLY B 138 -15.54 5.22 3.01
C GLY B 138 -16.76 4.37 3.29
N ILE B 139 -16.84 3.78 4.48
CA ILE B 139 -18.01 2.99 4.86
C ILE B 139 -19.23 3.89 4.95
N ARG B 140 -20.38 3.43 4.46
CA ARG B 140 -21.56 4.28 4.41
C ARG B 140 -22.09 4.43 5.83
N ARG B 141 -22.59 3.31 6.40
CA ARG B 141 -23.19 3.31 7.71
C ARG B 141 -22.50 2.25 8.58
N ILE B 142 -22.29 2.58 9.86
CA ILE B 142 -21.64 1.68 10.81
C ILE B 142 -22.57 1.45 12.00
N ILE B 143 -23.04 0.22 12.20
CA ILE B 143 -24.01 -0.02 13.27
C ILE B 143 -23.45 -1.05 14.25
N HIS B 144 -23.62 -0.80 15.56
CA HIS B 144 -23.16 -1.71 16.60
C HIS B 144 -24.24 -2.76 16.86
N LEU B 145 -23.82 -3.99 17.18
CA LEU B 145 -24.76 -5.05 17.54
C LEU B 145 -24.36 -5.62 18.91
N ASP B 146 -25.29 -5.58 19.87
CA ASP B 146 -25.01 -6.12 21.20
C ASP B 146 -25.34 -7.61 21.18
N PRO B 147 -24.79 -8.38 22.16
CA PRO B 147 -25.10 -9.80 22.29
C PRO B 147 -26.57 -10.07 22.65
N SER B 148 -27.16 -11.06 22.01
CA SER B 148 -28.47 -11.55 22.41
C SER B 148 -28.30 -12.47 23.61
N PRO B 149 -29.32 -12.61 24.49
CA PRO B 149 -29.28 -13.61 25.55
C PRO B 149 -29.05 -15.03 25.02
N GLU B 150 -29.65 -15.34 23.86
CA GLU B 150 -29.62 -16.70 23.33
C GLU B 150 -28.34 -16.93 22.54
N PRO B 151 -27.84 -18.19 22.49
CA PRO B 151 -26.72 -18.53 21.62
C PRO B 151 -27.09 -18.42 20.14
N TYR B 152 -28.28 -18.90 19.78
CA TYR B 152 -28.77 -18.87 18.40
C TYR B 152 -29.26 -17.47 18.05
N CYS B 153 -29.48 -17.25 16.74
CA CYS B 153 -29.91 -15.96 16.21
C CYS B 153 -31.38 -16.03 15.79
N THR B 154 -32.19 -15.05 16.23
CA THR B 154 -33.62 -15.08 15.92
C THR B 154 -33.84 -14.35 14.60
N PRO B 155 -34.86 -14.77 13.82
CA PRO B 155 -35.35 -13.96 12.68
C PRO B 155 -35.52 -12.49 13.04
N GLU B 156 -36.02 -12.21 14.25
CA GLU B 156 -36.25 -10.84 14.67
C GLU B 156 -34.93 -10.08 14.67
N ARG B 157 -33.85 -10.74 15.10
CA ARG B 157 -32.53 -10.14 15.25
C ARG B 157 -31.91 -9.82 13.89
N VAL B 158 -32.12 -10.71 12.92
CA VAL B 158 -31.70 -10.46 11.55
C VAL B 158 -32.48 -9.26 11.01
N GLN B 159 -33.82 -9.29 11.16
CA GLN B 159 -34.69 -8.26 10.62
C GLN B 159 -34.42 -6.91 11.30
N SER B 160 -34.07 -6.93 12.58
CA SER B 160 -33.86 -5.69 13.33
C SER B 160 -32.56 -5.01 12.88
N VAL B 161 -31.58 -5.81 12.48
CA VAL B 161 -30.33 -5.26 11.96
C VAL B 161 -30.58 -4.69 10.57
N LEU B 162 -31.10 -5.54 9.66
CA LEU B 162 -31.30 -5.17 8.26
C LEU B 162 -32.06 -3.84 8.17
N ALA B 163 -32.95 -3.60 9.15
CA ALA B 163 -33.85 -2.47 9.11
C ALA B 163 -33.15 -1.15 9.41
N GLN B 164 -31.81 -1.13 9.49
CA GLN B 164 -31.08 0.13 9.53
C GLN B 164 -30.29 0.34 8.24
N LEU B 165 -30.71 -0.31 7.15
CA LEU B 165 -30.22 -0.06 5.80
C LEU B 165 -28.68 0.03 5.80
N ASN C 5 12.54 24.89 -23.65
CA ASN C 5 11.97 23.66 -23.03
C ASN C 5 11.11 24.07 -21.84
N ARG C 6 10.12 23.24 -21.47
CA ARG C 6 9.28 23.47 -20.31
C ARG C 6 9.76 22.57 -19.17
N VAL C 7 9.69 23.05 -17.92
CA VAL C 7 9.75 22.19 -16.74
C VAL C 7 8.32 22.05 -16.25
N LEU C 8 7.92 20.82 -15.97
CA LEU C 8 6.56 20.54 -15.53
C LEU C 8 6.59 20.14 -14.05
N LEU C 9 5.83 20.88 -13.24
CA LEU C 9 5.59 20.50 -11.85
C LEU C 9 4.35 19.62 -11.82
N LEU C 10 4.46 18.45 -11.20
CA LEU C 10 3.29 17.73 -10.73
C LEU C 10 3.09 18.10 -9.26
N VAL C 11 1.82 18.30 -8.90
CA VAL C 11 1.44 18.57 -7.52
C VAL C 11 0.25 17.66 -7.20
N GLY C 12 0.28 17.07 -6.00
CA GLY C 12 -0.76 16.15 -5.59
C GLY C 12 -0.37 15.38 -4.33
N LEU C 13 -1.39 14.88 -3.64
CA LEU C 13 -1.22 14.05 -2.45
C LEU C 13 -0.55 12.74 -2.83
N PRO C 14 0.08 12.02 -1.87
CA PRO C 14 0.53 10.65 -2.07
C PRO C 14 -0.58 9.73 -2.62
N GLY C 15 -0.31 9.13 -3.77
CA GLY C 15 -1.23 8.19 -4.40
C GLY C 15 -2.21 8.91 -5.33
N SER C 16 -1.96 10.19 -5.61
CA SER C 16 -2.84 10.97 -6.46
C SER C 16 -2.72 10.53 -7.92
N GLY C 17 -1.53 10.02 -8.29
CA GLY C 17 -1.32 9.48 -9.66
C GLY C 17 -0.18 10.17 -10.39
N LYS C 18 0.82 10.68 -9.67
CA LYS C 18 1.87 11.48 -10.27
C LYS C 18 2.78 10.55 -11.07
N SER C 19 3.27 9.52 -10.38
CA SER C 19 4.21 8.55 -10.96
C SER C 19 3.58 7.76 -12.11
N THR C 20 2.29 7.42 -11.99
CA THR C 20 1.61 6.70 -13.05
C THR C 20 1.69 7.51 -14.34
N PHE C 21 1.52 8.83 -14.21
CA PHE C 21 1.48 9.73 -15.35
C PHE C 21 2.89 9.97 -15.88
N SER C 22 3.75 10.51 -15.02
CA SER C 22 5.14 10.83 -15.35
C SER C 22 5.83 9.65 -16.06
N ASN C 23 5.67 8.43 -15.56
CA ASN C 23 6.35 7.29 -16.16
C ASN C 23 5.87 7.10 -17.60
N LYS C 24 4.57 7.24 -17.81
CA LYS C 24 4.00 7.04 -19.15
C LYS C 24 4.53 8.12 -20.10
N LEU C 25 4.62 9.36 -19.58
CA LEU C 25 5.04 10.50 -20.36
C LEU C 25 6.42 10.29 -20.98
N VAL C 26 7.41 9.94 -20.15
CA VAL C 26 8.78 9.79 -20.60
C VAL C 26 8.94 8.48 -21.37
N GLU C 27 7.99 7.55 -21.21
CA GLU C 27 7.98 6.31 -21.97
C GLU C 27 7.52 6.60 -23.40
N LEU C 28 6.70 7.65 -23.58
CA LEU C 28 6.16 7.96 -24.88
C LEU C 28 7.00 9.01 -25.58
N LYS C 29 7.55 9.96 -24.83
CA LYS C 29 8.11 11.16 -25.44
C LYS C 29 9.58 11.26 -25.08
N PRO C 30 10.50 10.95 -26.04
CA PRO C 30 11.95 11.01 -25.79
C PRO C 30 12.51 12.40 -25.47
N ASN C 31 11.72 13.44 -25.76
CA ASN C 31 12.12 14.82 -25.46
C ASN C 31 11.76 15.17 -24.02
N TRP C 32 11.58 14.15 -23.17
CA TRP C 32 11.22 14.38 -21.79
C TRP C 32 12.10 13.52 -20.87
N ARG C 33 12.48 14.11 -19.74
CA ARG C 33 13.09 13.38 -18.64
C ARG C 33 12.19 13.51 -17.41
N ARG C 34 12.41 12.63 -16.42
CA ARG C 34 11.64 12.62 -15.18
C ARG C 34 12.60 12.82 -14.01
N VAL C 35 12.16 13.63 -13.03
CA VAL C 35 12.88 13.76 -11.78
C VAL C 35 11.97 13.24 -10.67
N ASN C 36 12.41 12.15 -10.01
CA ASN C 36 11.63 11.50 -8.96
C ASN C 36 12.54 11.04 -7.84
N GLN C 37 12.24 11.46 -6.61
CA GLN C 37 13.08 11.15 -5.46
C GLN C 37 13.21 9.64 -5.25
N ASP C 38 12.09 8.89 -5.35
CA ASP C 38 12.13 7.46 -5.09
C ASP C 38 13.16 6.80 -6.01
N ASP C 39 13.36 7.36 -7.21
CA ASP C 39 14.28 6.78 -8.19
C ASP C 39 15.68 7.38 -8.04
N LEU C 40 15.77 8.67 -7.71
CA LEU C 40 17.06 9.36 -7.69
C LEU C 40 17.66 9.40 -6.29
N GLY C 41 16.87 9.79 -5.29
CA GLY C 41 17.37 9.88 -3.93
C GLY C 41 17.39 11.32 -3.45
N SER C 42 18.55 11.76 -2.92
CA SER C 42 18.63 13.05 -2.25
C SER C 42 18.12 14.17 -3.17
N ARG C 43 17.64 15.26 -2.57
CA ARG C 43 17.19 16.41 -3.38
C ARG C 43 18.41 16.99 -4.13
N LYS C 44 19.59 16.93 -3.51
CA LYS C 44 20.79 17.45 -4.14
C LYS C 44 21.06 16.71 -5.45
N ASN C 45 20.99 15.36 -5.44
CA ASN C 45 21.18 14.53 -6.62
C ASN C 45 20.14 14.91 -7.68
N CYS C 46 18.90 15.19 -7.24
CA CYS C 46 17.83 15.53 -8.16
C CYS C 46 18.17 16.82 -8.89
N GLU C 47 18.60 17.83 -8.12
CA GLU C 47 19.01 19.13 -8.63
C GLU C 47 20.13 18.98 -9.64
N ARG C 48 21.09 18.09 -9.36
CA ARG C 48 22.15 17.76 -10.30
C ARG C 48 21.54 17.27 -11.61
N HIS C 49 20.70 16.22 -11.55
CA HIS C 49 20.08 15.62 -12.74
C HIS C 49 19.14 16.58 -13.46
N CYS C 50 18.41 17.42 -12.70
CA CYS C 50 17.54 18.44 -13.29
C CYS C 50 18.34 19.34 -14.21
N ARG C 51 19.45 19.86 -13.69
CA ARG C 51 20.32 20.77 -14.42
C ARG C 51 20.82 20.09 -15.70
N ARG C 52 21.40 18.89 -15.56
CA ARG C 52 22.01 18.19 -16.68
C ARG C 52 20.99 17.98 -17.80
N PHE C 53 19.71 17.86 -17.44
CA PHE C 53 18.64 17.69 -18.41
C PHE C 53 18.35 19.02 -19.11
N LEU C 54 18.39 20.13 -18.36
CA LEU C 54 18.15 21.44 -18.93
C LEU C 54 19.36 21.87 -19.78
N GLU C 55 20.56 21.49 -19.34
CA GLU C 55 21.78 21.72 -20.11
C GLU C 55 21.72 20.98 -21.45
N GLN C 56 20.69 20.15 -21.68
CA GLN C 56 20.50 19.53 -22.99
C GLN C 56 19.15 19.94 -23.58
N GLN C 57 18.55 21.01 -23.06
CA GLN C 57 17.32 21.60 -23.59
C GLN C 57 16.18 20.58 -23.64
N LEU C 58 16.12 19.70 -22.63
CA LEU C 58 15.06 18.70 -22.52
C LEU C 58 13.93 19.27 -21.66
N ASN C 59 12.72 18.70 -21.85
CA ASN C 59 11.62 18.95 -20.93
C ASN C 59 11.76 18.05 -19.71
N VAL C 60 11.48 18.61 -18.53
CA VAL C 60 11.71 17.90 -17.29
C VAL C 60 10.44 17.95 -16.43
N VAL C 61 9.94 16.74 -16.11
CA VAL C 61 8.76 16.59 -15.27
C VAL C 61 9.22 16.23 -13.85
N ILE C 62 8.76 17.02 -12.88
CA ILE C 62 9.12 16.80 -11.48
C ILE C 62 8.00 16.01 -10.81
N ASP C 63 8.30 14.74 -10.51
CA ASP C 63 7.36 13.83 -9.88
C ASP C 63 7.60 13.86 -8.37
N ARG C 64 6.95 14.82 -7.72
CA ARG C 64 6.98 14.98 -6.28
C ARG C 64 5.59 15.48 -5.89
N CYS C 65 5.28 15.45 -4.60
CA CYS C 65 3.98 15.95 -4.14
C CYS C 65 3.99 17.45 -4.42
N ASN C 66 5.10 18.09 -4.02
CA ASN C 66 5.30 19.51 -4.23
C ASN C 66 4.24 20.29 -3.46
N PHE C 67 4.06 19.93 -2.18
CA PHE C 67 2.84 20.25 -1.44
C PHE C 67 2.75 21.69 -0.93
N ASP C 68 3.79 22.51 -1.15
CA ASP C 68 3.74 23.91 -0.73
C ASP C 68 4.78 24.73 -1.48
N GLU C 69 4.70 26.05 -1.29
CA GLU C 69 5.53 27.00 -2.03
C GLU C 69 6.99 26.62 -1.88
N GLN C 70 7.40 26.38 -0.65
CA GLN C 70 8.84 26.10 -0.40
C GLN C 70 9.27 24.90 -1.25
N GLN C 71 8.46 23.85 -1.31
CA GLN C 71 8.87 22.63 -2.03
C GLN C 71 8.99 22.92 -3.53
N ARG C 72 8.04 23.67 -4.10
CA ARG C 72 8.05 23.92 -5.56
C ARG C 72 9.20 24.88 -5.92
N SER C 73 9.46 25.87 -5.07
CA SER C 73 10.51 26.88 -5.36
C SER C 73 11.83 26.31 -5.90
N THR C 74 12.33 25.23 -5.33
CA THR C 74 13.65 24.70 -5.72
C THR C 74 13.67 24.50 -7.22
N TRP C 75 12.53 24.17 -7.82
CA TRP C 75 12.53 23.82 -9.23
C TRP C 75 12.37 25.07 -10.08
N ILE C 76 11.48 25.98 -9.65
CA ILE C 76 11.25 27.24 -10.33
C ILE C 76 12.55 28.04 -10.34
N ARG C 77 13.32 27.92 -9.25
CA ARG C 77 14.59 28.63 -9.11
C ARG C 77 15.61 28.06 -10.12
N ILE C 78 15.54 26.76 -10.41
CA ILE C 78 16.41 26.15 -11.40
C ILE C 78 15.96 26.54 -12.81
N ALA C 79 14.65 26.77 -12.98
CA ALA C 79 14.08 27.13 -14.27
C ALA C 79 14.37 28.59 -14.61
N ARG C 80 14.32 29.48 -13.60
CA ARG C 80 14.69 30.87 -13.82
C ARG C 80 16.18 30.95 -14.19
N GLU C 81 17.01 30.01 -13.70
CA GLU C 81 18.44 30.00 -13.98
C GLU C 81 18.75 29.64 -15.44
N TYR C 82 17.91 28.79 -16.04
CA TYR C 82 18.08 28.34 -17.42
C TYR C 82 17.08 29.06 -18.33
N ASN C 83 16.39 30.05 -17.76
CA ASN C 83 15.47 30.90 -18.51
C ASN C 83 14.48 30.04 -19.28
N VAL C 84 13.81 29.11 -18.58
CA VAL C 84 12.77 28.29 -19.18
C VAL C 84 11.50 28.48 -18.36
N PRO C 85 10.31 28.31 -18.97
CA PRO C 85 9.05 28.46 -18.23
C PRO C 85 8.65 27.22 -17.42
N VAL C 86 7.94 27.48 -16.31
CA VAL C 86 7.43 26.44 -15.43
C VAL C 86 5.92 26.30 -15.63
N ASP C 87 5.46 25.15 -16.13
CA ASP C 87 4.05 24.82 -16.13
C ASP C 87 3.80 23.85 -14.97
N CYS C 88 2.52 23.61 -14.65
CA CYS C 88 2.17 22.87 -13.45
C CYS C 88 0.85 22.11 -13.66
N VAL C 89 0.84 20.82 -13.28
CA VAL C 89 -0.36 19.98 -13.31
C VAL C 89 -0.71 19.55 -11.90
N VAL C 90 -1.94 19.85 -11.48
CA VAL C 90 -2.44 19.54 -10.15
C VAL C 90 -3.41 18.37 -10.23
N LEU C 91 -3.02 17.23 -9.64
CA LEU C 91 -3.89 16.07 -9.60
C LEU C 91 -4.94 16.33 -8.53
N THR C 92 -6.21 16.10 -8.86
CA THR C 92 -7.33 16.63 -8.09
C THR C 92 -7.95 15.54 -7.23
N ALA C 93 -7.46 14.30 -7.36
CA ALA C 93 -7.82 13.20 -6.47
C ALA C 93 -7.78 13.65 -5.00
N ASP C 94 -8.81 13.26 -4.24
CA ASP C 94 -9.07 13.77 -2.90
C ASP C 94 -8.68 12.74 -1.83
N LYS C 95 -8.68 13.21 -0.55
CA LYS C 95 -8.25 12.43 0.61
C LYS C 95 -8.76 11.00 0.51
N GLN C 96 -10.07 10.79 0.34
CA GLN C 96 -10.62 9.45 0.40
C GLN C 96 -10.10 8.62 -0.78
N THR C 97 -10.02 9.20 -1.98
CA THR C 97 -9.60 8.45 -3.15
C THR C 97 -8.14 8.02 -3.01
N CYS C 98 -7.28 8.94 -2.56
CA CYS C 98 -5.88 8.62 -2.32
C CYS C 98 -5.76 7.54 -1.24
N GLY C 99 -6.59 7.64 -0.20
CA GLY C 99 -6.56 6.69 0.90
C GLY C 99 -6.72 5.26 0.38
N GLU C 100 -7.75 5.06 -0.45
CA GLU C 100 -8.14 3.73 -0.90
C GLU C 100 -7.09 3.15 -1.86
N ARG C 101 -6.37 4.03 -2.58
CA ARG C 101 -5.29 3.62 -3.47
C ARG C 101 -4.08 3.17 -2.66
N ILE C 102 -3.83 3.89 -1.56
CA ILE C 102 -2.69 3.59 -0.70
C ILE C 102 -2.90 2.25 -0.02
N LEU C 103 -4.12 1.98 0.47
CA LEU C 103 -4.43 0.68 1.04
C LEU C 103 -4.28 -0.41 -0.02
N GLU C 104 -4.63 -0.09 -1.26
CA GLU C 104 -4.61 -1.06 -2.36
C GLU C 104 -3.17 -1.53 -2.63
N ARG C 105 -2.19 -0.78 -2.15
CA ARG C 105 -0.80 -1.20 -2.29
C ARG C 105 -0.48 -2.35 -1.34
N GLU C 106 -1.20 -2.42 -0.20
CA GLU C 106 -1.01 -3.45 0.80
C GLU C 106 0.44 -3.55 1.28
N ASP C 107 1.09 -2.39 1.49
CA ASP C 107 2.54 -2.38 1.85
C ASP C 107 2.83 -1.67 3.18
N HIS C 108 1.91 -0.88 3.74
CA HIS C 108 2.10 -0.33 5.07
C HIS C 108 1.65 -1.17 6.26
N PRO C 109 2.33 -1.08 7.42
CA PRO C 109 1.83 -1.71 8.65
C PRO C 109 0.63 -0.98 9.24
N THR C 110 -0.16 -1.68 10.07
CA THR C 110 -1.00 -0.94 11.00
C THR C 110 -0.32 -0.99 12.36
N GLY C 111 -0.24 0.17 13.03
CA GLY C 111 0.32 0.29 14.35
C GLY C 111 -0.77 0.62 15.35
N VAL C 112 -0.37 1.01 16.58
CA VAL C 112 -1.30 1.40 17.63
C VAL C 112 -2.25 2.46 17.08
N GLN C 113 -1.72 3.33 16.21
CA GLN C 113 -2.39 4.57 15.82
C GLN C 113 -3.23 4.40 14.57
N GLY C 114 -3.10 3.27 13.88
CA GLY C 114 -3.87 2.98 12.68
C GLY C 114 -2.96 2.52 11.55
N ASN C 115 -3.55 2.43 10.35
CA ASN C 115 -2.80 2.11 9.15
C ASN C 115 -1.79 3.23 8.87
N GLU C 116 -0.50 2.88 8.73
CA GLU C 116 0.54 3.89 8.65
C GLU C 116 0.52 4.56 7.30
N GLY C 117 -0.06 3.91 6.30
CA GLY C 117 -0.24 4.53 4.99
C GLY C 117 -1.21 5.71 5.07
N LEU C 118 -2.37 5.48 5.69
CA LEU C 118 -3.39 6.51 5.86
C LEU C 118 -2.86 7.63 6.75
N ASN C 119 -1.99 7.32 7.71
CA ASN C 119 -1.48 8.33 8.63
C ASN C 119 -0.59 9.29 7.86
N ILE C 120 0.26 8.75 7.00
CA ILE C 120 1.14 9.55 6.17
C ILE C 120 0.29 10.46 5.30
N LEU C 121 -0.72 9.88 4.64
CA LEU C 121 -1.63 10.65 3.82
C LEU C 121 -2.09 11.88 4.61
N HIS C 122 -2.62 11.62 5.81
CA HIS C 122 -3.17 12.67 6.67
C HIS C 122 -2.15 13.77 6.91
N ARG C 123 -0.89 13.39 7.17
CA ARG C 123 0.15 14.36 7.46
C ARG C 123 0.41 15.24 6.23
N PHE C 124 0.28 14.68 5.03
CA PHE C 124 0.43 15.46 3.81
C PHE C 124 -0.79 16.37 3.61
N VAL C 125 -1.99 15.81 3.79
CA VAL C 125 -3.22 16.57 3.65
C VAL C 125 -3.15 17.81 4.54
N MET C 126 -2.56 17.65 5.74
CA MET C 126 -2.46 18.73 6.70
C MET C 126 -1.52 19.84 6.20
N ASN C 127 -0.58 19.53 5.30
CA ASN C 127 0.39 20.53 4.86
C ASN C 127 0.31 20.81 3.36
N TYR C 128 -0.83 20.50 2.73
CA TYR C 128 -0.98 20.59 1.29
C TYR C 128 -1.59 21.93 0.88
N ILE C 129 -0.75 22.79 0.27
CA ILE C 129 -1.20 24.06 -0.27
C ILE C 129 -0.89 24.05 -1.75
N PRO C 130 -1.82 23.63 -2.65
CA PRO C 130 -1.51 23.61 -4.07
C PRO C 130 -1.40 25.03 -4.65
N PRO C 131 -0.67 25.23 -5.76
CA PRO C 131 -0.51 26.56 -6.35
C PRO C 131 -1.78 27.02 -7.07
N THR C 132 -2.06 28.31 -6.96
CA THR C 132 -3.08 28.96 -7.76
C THR C 132 -2.45 30.20 -8.40
N TYR C 133 -3.25 30.97 -9.15
CA TYR C 133 -2.73 32.12 -9.86
C TYR C 133 -2.51 33.28 -8.88
N THR C 134 -3.41 33.38 -7.88
CA THR C 134 -3.41 34.49 -6.95
C THR C 134 -2.24 34.35 -5.96
N THR C 135 -1.68 33.14 -5.85
CA THR C 135 -0.47 32.90 -5.10
C THR C 135 0.70 32.89 -6.07
N ASN C 136 1.15 34.07 -6.50
CA ASN C 136 2.13 34.16 -7.57
C ASN C 136 3.47 33.65 -7.05
N GLU C 137 4.00 32.60 -7.71
CA GLU C 137 5.32 32.08 -7.37
C GLU C 137 6.14 31.81 -8.63
N GLY C 138 5.68 32.30 -9.79
CA GLY C 138 6.47 32.27 -11.01
C GLY C 138 6.15 31.07 -11.90
N ILE C 139 4.90 30.60 -11.83
CA ILE C 139 4.40 29.52 -12.68
C ILE C 139 3.47 30.15 -13.71
N ARG C 140 3.67 29.76 -14.98
CA ARG C 140 2.94 30.35 -16.10
C ARG C 140 1.49 29.87 -16.10
N ARG C 141 1.30 28.54 -16.15
CA ARG C 141 -0.03 27.97 -16.34
C ARG C 141 -0.24 26.82 -15.37
N ILE C 142 -1.48 26.70 -14.87
CA ILE C 142 -1.87 25.66 -13.95
C ILE C 142 -3.15 25.00 -14.48
N ILE C 143 -3.12 23.67 -14.60
CA ILE C 143 -4.23 22.88 -15.12
C ILE C 143 -4.56 21.79 -14.09
N HIS C 144 -5.85 21.51 -13.93
CA HIS C 144 -6.30 20.45 -13.02
C HIS C 144 -6.47 19.16 -13.82
N LEU C 145 -6.00 18.04 -13.26
CA LEU C 145 -6.13 16.74 -13.90
C LEU C 145 -6.96 15.83 -12.99
N ASP C 146 -8.05 15.27 -13.51
CA ASP C 146 -8.93 14.41 -12.74
C ASP C 146 -8.55 12.95 -12.88
N PRO C 147 -8.94 12.10 -11.90
CA PRO C 147 -8.75 10.65 -12.02
C PRO C 147 -9.36 10.04 -13.28
N SER C 148 -8.57 9.23 -14.00
CA SER C 148 -9.08 8.42 -15.10
C SER C 148 -9.84 7.20 -14.57
N PRO C 149 -10.78 6.61 -15.35
CA PRO C 149 -11.34 5.31 -15.03
C PRO C 149 -10.32 4.19 -14.96
N GLU C 150 -9.17 4.38 -15.60
CA GLU C 150 -8.17 3.33 -15.73
C GLU C 150 -7.08 3.49 -14.66
N PRO C 151 -6.59 2.41 -14.01
CA PRO C 151 -5.42 2.51 -13.11
C PRO C 151 -4.12 2.83 -13.83
N TYR C 152 -4.11 2.62 -15.15
CA TYR C 152 -2.98 2.97 -15.99
C TYR C 152 -3.26 4.30 -16.69
N CYS C 153 -2.23 4.76 -17.40
CA CYS C 153 -2.28 6.00 -18.16
C CYS C 153 -2.18 5.66 -19.64
N THR C 154 -3.18 6.06 -20.41
CA THR C 154 -3.18 5.80 -21.85
C THR C 154 -2.29 6.83 -22.54
N PRO C 155 -1.77 6.50 -23.74
CA PRO C 155 -1.09 7.50 -24.57
C PRO C 155 -1.97 8.74 -24.74
N GLU C 156 -3.28 8.52 -24.85
CA GLU C 156 -4.23 9.57 -25.16
C GLU C 156 -4.39 10.51 -23.95
N ARG C 157 -4.29 9.94 -22.74
CA ARG C 157 -4.35 10.70 -21.51
C ARG C 157 -3.18 11.68 -21.46
N VAL C 158 -1.98 11.21 -21.82
CA VAL C 158 -0.80 12.05 -21.89
C VAL C 158 -1.04 13.18 -22.90
N GLN C 159 -1.31 12.81 -24.16
CA GLN C 159 -1.56 13.77 -25.22
C GLN C 159 -2.62 14.77 -24.77
N SER C 160 -3.69 14.25 -24.16
CA SER C 160 -4.80 15.07 -23.66
C SER C 160 -4.32 16.18 -22.73
N VAL C 161 -3.32 15.88 -21.90
CA VAL C 161 -2.84 16.84 -20.91
C VAL C 161 -1.90 17.83 -21.59
N LEU C 162 -0.91 17.29 -22.33
CA LEU C 162 0.13 18.08 -22.97
C LEU C 162 -0.47 19.14 -23.88
N ALA C 163 -1.63 18.82 -24.46
CA ALA C 163 -2.30 19.70 -25.40
C ALA C 163 -2.81 20.97 -24.71
N GLN C 164 -2.97 20.93 -23.38
CA GLN C 164 -3.50 22.09 -22.65
C GLN C 164 -2.37 22.93 -22.07
N LEU C 165 -1.13 22.43 -22.13
CA LEU C 165 0.02 23.13 -21.59
C LEU C 165 0.79 23.78 -22.76
PB GDP D . 15.00 2.25 -0.46
O1B GDP D . 14.02 3.27 0.05
O2B GDP D . 14.60 1.67 -1.78
O3B GDP D . 15.40 1.19 0.53
O3A GDP D . 16.33 3.15 -0.57
PA GDP D . 17.06 3.80 -1.84
O1A GDP D . 17.46 2.69 -2.75
O2A GDP D . 16.14 4.89 -2.31
O5' GDP D . 18.36 4.46 -1.20
C5' GDP D . 18.20 5.59 -0.29
C4' GDP D . 19.47 6.41 -0.26
O4' GDP D . 20.55 5.66 0.33
C3' GDP D . 19.97 6.87 -1.63
O3' GDP D . 20.53 8.17 -1.55
C2' GDP D . 21.13 5.92 -1.93
O2' GDP D . 22.10 6.61 -2.68
C1' GDP D . 21.65 5.56 -0.54
N9 GDP D . 22.20 4.20 -0.45
C8 GDP D . 21.58 3.04 -0.84
N7 GDP D . 22.31 1.97 -0.65
C5 GDP D . 23.49 2.45 -0.09
C6 GDP D . 24.65 1.77 0.33
O6 GDP D . 24.90 0.55 0.27
N1 GDP D . 25.61 2.64 0.82
C2 GDP D . 25.47 4.02 0.89
N2 GDP D . 26.51 4.69 1.39
N3 GDP D . 24.37 4.67 0.51
C4 GDP D . 23.43 3.84 0.03
MG MG E . 13.02 2.25 -2.84
PB GDP F . -17.40 -16.03 15.55
O1B GDP F . -16.14 -16.40 16.26
O2B GDP F . -17.54 -14.54 15.35
O3B GDP F . -17.62 -16.83 14.28
O3A GDP F . -18.51 -16.50 16.63
PA GDP F . -19.61 -17.66 16.54
O1A GDP F . -20.64 -17.16 15.59
O2A GDP F . -18.96 -18.99 16.25
O5' GDP F . -20.23 -17.67 18.03
C5' GDP F . -19.35 -17.80 19.18
C4' GDP F . -20.04 -18.59 20.28
O4' GDP F . -20.90 -17.70 21.06
C3' GDP F . -20.93 -19.73 19.81
O3' GDP F . -20.83 -20.84 20.70
C2' GDP F . -22.33 -19.10 19.78
O2' GDP F . -23.33 -20.02 20.14
C1' GDP F . -22.26 -17.98 20.82
N9 GDP F . -22.89 -16.73 20.40
C8 GDP F . -22.74 -16.12 19.18
N7 GDP F . -23.40 -14.98 19.08
C5 GDP F . -24.02 -14.85 20.31
C6 GDP F . -24.88 -13.82 20.78
O6 GDP F . -25.26 -12.80 20.19
N1 GDP F . -25.29 -14.06 22.09
C2 GDP F . -24.94 -15.16 22.84
N2 GDP F . -25.44 -15.22 24.07
N3 GDP F . -24.13 -16.12 22.39
C4 GDP F . -23.72 -15.91 21.13
MG MG G . -16.58 -17.76 12.83
PB GDP H . 1.70 8.76 -6.63
O1B GDP H . 1.89 8.56 -5.16
O2B GDP H . 2.93 8.37 -7.41
O3B GDP H . 1.17 10.14 -6.94
O3A GDP H . 0.59 7.74 -7.17
PA GDP H . 0.88 6.55 -8.20
O1A GDP H . 1.18 7.16 -9.53
O2A GDP H . 1.92 5.68 -7.60
O5' GDP H . -0.53 5.77 -8.28
C5' GDP H . -1.15 5.18 -7.11
C4' GDP H . -2.18 4.13 -7.54
O4' GDP H . -3.38 4.79 -8.02
C3' GDP H . -1.77 3.16 -8.64
O3' GDP H . -2.30 1.86 -8.44
C2' GDP H . -2.44 3.69 -9.90
O2' GDP H . -2.88 2.67 -10.77
C1' GDP H . -3.66 4.42 -9.36
N9 GDP H . -3.98 5.61 -10.14
C8 GDP H . -3.13 6.66 -10.38
N7 GDP H . -3.66 7.61 -11.11
C5 GDP H . -4.94 7.15 -11.39
C6 GDP H . -5.96 7.76 -12.14
O6 GDP H . -5.94 8.85 -12.72
N1 GDP H . -7.11 6.97 -12.18
C2 GDP H . -7.23 5.75 -11.55
N2 GDP H . -8.41 5.13 -11.71
N3 GDP H . -6.27 5.16 -10.85
C4 GDP H . -5.14 5.92 -10.81
MG MG I . 4.85 8.07 -6.97
#